data_4W5H
#
_entry.id   4W5H
#
_cell.length_a   73.508
_cell.length_b   54.331
_cell.length_c   62.711
_cell.angle_alpha   90.00
_cell.angle_beta   118.85
_cell.angle_gamma   90.00
#
_symmetry.space_group_name_H-M   'C 1 2 1'
#
loop_
_entity.id
_entity.type
_entity.pdbx_description
1 polymer 'Adenylate kinase'
2 non-polymer 2-AMINO-2-HYDROXYMETHYL-PROPANE-1,3-DIOL
3 non-polymer '4-(2-HYDROXYETHYL)-1-PIPERAZINE ETHANESULFONIC ACID'
4 water water
#
_entity_poly.entity_id   1
_entity_poly.type   'polypeptide(L)'
_entity_poly.pdbx_seq_one_letter_code
;GAMGSMNLLIMGLPGAGKGTQAAKIVEQFHVAHISTGDMFRAAMANQTEMGVLAKSYIDKGELVPDEVTNGIVKERLSQD
DIKETGFLLDGYPRTIEQAHALDKTLAELGIELEGIINIEVNPDSLLERLSGRIIHRVTGETFHKVFNPPVDYKEEDYYQ
REDDKPETVKRRLDVNIAQGEPIIAHYRAKGLVHDIEGNQDINDVFSDIEKVLTNLK
;
_entity_poly.pdbx_strand_id   A
#
loop_
_chem_comp.id
_chem_comp.type
_chem_comp.name
_chem_comp.formula
EPE non-polymer '4-(2-HYDROXYETHYL)-1-PIPERAZINE ETHANESULFONIC ACID' 'C8 H18 N2 O4 S'
TRS non-polymer 2-AMINO-2-HYDROXYMETHYL-PROPANE-1,3-DIOL 'C4 H12 N O3 1'
#
# COMPACT_ATOMS: atom_id res chain seq x y z
N GLY A 4 -7.30 21.47 -5.30
CA GLY A 4 -8.17 21.44 -4.14
C GLY A 4 -8.92 20.13 -3.98
N SER A 5 -8.35 19.25 -3.17
CA SER A 5 -8.97 17.98 -2.79
C SER A 5 -9.04 16.95 -3.92
N MET A 6 -8.58 15.73 -3.62
CA MET A 6 -8.59 14.62 -4.57
C MET A 6 -8.80 13.32 -3.80
N ASN A 7 -9.66 12.44 -4.31
CA ASN A 7 -9.89 11.13 -3.71
C ASN A 7 -9.16 10.01 -4.46
N LEU A 8 -8.11 9.48 -3.83
CA LEU A 8 -7.17 8.60 -4.53
C LEU A 8 -6.87 7.29 -3.81
N LEU A 9 -6.51 6.28 -4.60
CA LEU A 9 -5.85 5.08 -4.08
C LEU A 9 -4.45 5.01 -4.66
N ILE A 10 -3.53 4.41 -3.91
CA ILE A 10 -2.24 4.10 -4.50
C ILE A 10 -1.99 2.61 -4.34
N MET A 11 -1.52 1.99 -5.41
CA MET A 11 -1.29 0.55 -5.42
C MET A 11 0.10 0.24 -5.95
N GLY A 12 0.64 -0.91 -5.55
CA GLY A 12 1.93 -1.34 -6.04
C GLY A 12 2.41 -2.55 -5.27
N LEU A 13 3.12 -3.43 -5.98
CA LEU A 13 3.65 -4.62 -5.35
C LEU A 13 4.75 -4.24 -4.36
N PRO A 14 5.05 -5.14 -3.40
CA PRO A 14 6.19 -4.94 -2.50
C PRO A 14 7.46 -4.57 -3.27
N GLY A 15 8.19 -3.57 -2.77
CA GLY A 15 9.43 -3.15 -3.40
C GLY A 15 9.26 -2.11 -4.50
N ALA A 16 8.02 -1.70 -4.77
CA ALA A 16 7.78 -0.78 -5.88
C ALA A 16 7.94 0.67 -5.49
N GLY A 17 8.19 0.93 -4.21
CA GLY A 17 8.41 2.28 -3.74
C GLY A 17 7.14 3.08 -3.50
N LYS A 18 6.05 2.37 -3.19
CA LYS A 18 4.76 2.98 -2.92
C LYS A 18 4.83 4.00 -1.76
N GLY A 19 5.55 3.65 -0.71
CA GLY A 19 5.66 4.50 0.47
C GLY A 19 6.31 5.85 0.18
N THR A 20 7.43 5.82 -0.53
CA THR A 20 8.14 7.04 -0.86
C THR A 20 7.29 7.94 -1.76
N GLN A 21 6.60 7.34 -2.72
CA GLN A 21 5.79 8.12 -3.64
C GLN A 21 4.61 8.75 -2.91
N ALA A 22 4.03 8.02 -1.96
CA ALA A 22 2.91 8.52 -1.17
C ALA A 22 3.30 9.79 -0.41
N ALA A 23 4.49 9.78 0.18
CA ALA A 23 4.98 10.93 0.93
C ALA A 23 5.20 12.13 -0.01
N LYS A 24 5.69 11.86 -1.21
CA LYS A 24 5.89 12.92 -2.20
C LYS A 24 4.55 13.47 -2.67
N ILE A 25 3.56 12.59 -2.83
CA ILE A 25 2.23 13.00 -3.25
C ILE A 25 1.60 13.92 -2.20
N VAL A 26 1.76 13.58 -0.93
CA VAL A 26 1.23 14.42 0.13
C VAL A 26 1.86 15.81 0.11
N GLU A 27 3.19 15.86 -0.07
CA GLU A 27 3.91 17.13 -0.03
C GLU A 27 3.45 18.09 -1.11
N GLN A 28 3.15 17.56 -2.29
CA GLN A 28 2.74 18.35 -3.44
C GLN A 28 1.25 18.65 -3.44
N PHE A 29 0.42 17.65 -3.11
CA PHE A 29 -1.03 17.79 -3.27
C PHE A 29 -1.84 17.88 -1.96
N HIS A 30 -1.19 17.66 -0.83
CA HIS A 30 -1.77 17.86 0.51
C HIS A 30 -2.92 16.92 0.90
N VAL A 31 -3.12 15.87 0.11
CA VAL A 31 -4.10 14.85 0.47
C VAL A 31 -3.67 14.09 1.73
N ALA A 32 -4.64 13.58 2.48
CA ALA A 32 -4.33 12.78 3.66
C ALA A 32 -3.87 11.39 3.24
N HIS A 33 -2.62 11.06 3.54
CA HIS A 33 -2.13 9.72 3.27
C HIS A 33 -2.66 8.75 4.33
N ILE A 34 -3.36 7.72 3.88
CA ILE A 34 -4.01 6.79 4.79
C ILE A 34 -3.63 5.35 4.51
N SER A 35 -2.69 4.80 5.28
CA SER A 35 -2.36 3.39 5.15
C SER A 35 -3.22 2.59 6.10
N THR A 36 -3.32 1.28 5.87
CA THR A 36 -4.03 0.42 6.80
C THR A 36 -3.52 0.59 8.23
N GLY A 37 -2.21 0.59 8.41
CA GLY A 37 -1.61 0.79 9.72
C GLY A 37 -1.98 2.11 10.38
N ASP A 38 -1.96 3.18 9.59
CA ASP A 38 -2.33 4.52 10.08
C ASP A 38 -3.75 4.52 10.58
N MET A 39 -4.64 3.97 9.76
CA MET A 39 -6.06 3.93 10.09
C MET A 39 -6.35 3.21 11.39
N PHE A 40 -5.77 2.03 11.57
CA PHE A 40 -5.99 1.27 12.79
C PHE A 40 -5.31 1.94 13.98
N ARG A 41 -4.09 2.44 13.79
CA ARG A 41 -3.39 3.11 14.87
C ARG A 41 -4.17 4.33 15.36
N ALA A 42 -4.69 5.11 14.41
CA ALA A 42 -5.51 6.28 14.72
C ALA A 42 -6.74 5.89 15.54
N ALA A 43 -7.48 4.91 15.03
CA ALA A 43 -8.72 4.51 15.67
C ALA A 43 -8.45 4.09 17.11
N MET A 44 -7.37 3.34 17.32
CA MET A 44 -7.05 2.83 18.65
C MET A 44 -6.43 3.89 19.56
N ALA A 45 -5.44 4.62 19.05
CA ALA A 45 -4.78 5.65 19.86
C ALA A 45 -5.73 6.79 20.19
N ASN A 46 -6.62 7.13 19.26
CA ASN A 46 -7.60 8.19 19.51
C ASN A 46 -8.84 7.65 20.18
N GLN A 47 -8.86 6.33 20.38
CA GLN A 47 -9.92 5.67 21.11
C GLN A 47 -11.31 5.93 20.55
N THR A 48 -11.44 5.78 19.23
CA THR A 48 -12.76 5.88 18.62
C THR A 48 -13.57 4.64 18.96
N GLU A 49 -14.86 4.68 18.63
CA GLU A 49 -15.76 3.58 18.91
C GLU A 49 -15.30 2.29 18.23
N MET A 50 -15.00 2.37 16.94
CA MET A 50 -14.52 1.21 16.21
C MET A 50 -13.13 0.79 16.66
N GLY A 51 -12.32 1.78 17.04
CA GLY A 51 -10.95 1.52 17.43
C GLY A 51 -10.84 0.72 18.72
N VAL A 52 -11.63 1.09 19.70
CA VAL A 52 -11.61 0.38 20.97
C VAL A 52 -12.21 -1.02 20.73
N LEU A 53 -13.16 -1.11 19.82
CA LEU A 53 -13.69 -2.41 19.42
C LEU A 53 -12.58 -3.24 18.77
N ALA A 54 -11.87 -2.68 17.80
CA ALA A 54 -10.79 -3.40 17.12
C ALA A 54 -9.71 -3.85 18.11
N LYS A 55 -9.43 -2.99 19.08
CA LYS A 55 -8.42 -3.28 20.09
C LYS A 55 -8.77 -4.53 20.91
N SER A 56 -10.06 -4.79 21.11
CA SER A 56 -10.46 -5.93 21.94
C SER A 56 -10.08 -7.26 21.27
N TYR A 57 -9.99 -7.26 19.94
CA TYR A 57 -9.54 -8.44 19.21
C TYR A 57 -8.03 -8.49 19.17
N ILE A 58 -7.42 -7.37 18.79
CA ILE A 58 -5.97 -7.27 18.64
C ILE A 58 -5.21 -7.57 19.94
N ASP A 59 -5.66 -7.02 21.06
CA ASP A 59 -5.05 -7.31 22.36
C ASP A 59 -5.04 -8.79 22.69
N LYS A 60 -6.05 -9.50 22.17
CA LYS A 60 -6.25 -10.91 22.46
C LYS A 60 -5.54 -11.77 21.43
N GLY A 61 -4.88 -11.11 20.48
CA GLY A 61 -4.16 -11.80 19.41
C GLY A 61 -5.10 -12.43 18.40
N GLU A 62 -6.35 -11.98 18.38
CA GLU A 62 -7.30 -12.50 17.40
C GLU A 62 -7.39 -11.62 16.15
N LEU A 63 -7.92 -12.19 15.07
CA LEU A 63 -8.08 -11.44 13.82
C LEU A 63 -9.23 -10.43 13.94
N VAL A 64 -9.06 -9.31 13.26
CA VAL A 64 -10.11 -8.29 13.20
C VAL A 64 -11.13 -8.70 12.15
N PRO A 65 -12.41 -8.81 12.54
CA PRO A 65 -13.45 -9.22 11.58
C PRO A 65 -13.69 -8.15 10.51
N ASP A 66 -14.12 -8.59 9.33
CA ASP A 66 -14.34 -7.69 8.20
C ASP A 66 -15.29 -6.55 8.57
N GLU A 67 -16.37 -6.90 9.28
CA GLU A 67 -17.36 -5.93 9.73
C GLU A 67 -16.71 -4.79 10.53
N VAL A 68 -15.72 -5.12 11.35
CA VAL A 68 -15.06 -4.12 12.17
C VAL A 68 -14.11 -3.27 11.32
N THR A 69 -13.36 -3.92 10.45
CA THR A 69 -12.48 -3.25 9.51
C THR A 69 -13.25 -2.26 8.62
N ASN A 70 -14.41 -2.69 8.12
CA ASN A 70 -15.22 -1.81 7.30
C ASN A 70 -15.70 -0.58 8.06
N GLY A 71 -16.07 -0.78 9.33
CA GLY A 71 -16.45 0.34 10.19
C GLY A 71 -15.28 1.29 10.42
N ILE A 72 -14.11 0.74 10.69
CA ILE A 72 -12.87 1.52 10.81
C ILE A 72 -12.67 2.45 9.60
N VAL A 73 -12.80 1.87 8.41
CA VAL A 73 -12.62 2.63 7.16
C VAL A 73 -13.66 3.74 7.03
N LYS A 74 -14.92 3.38 7.20
CA LYS A 74 -16.01 4.35 7.09
C LYS A 74 -15.82 5.49 8.07
N GLU A 75 -15.43 5.14 9.29
CA GLU A 75 -15.10 6.11 10.33
C GLU A 75 -14.00 7.07 9.87
N ARG A 76 -12.93 6.50 9.33
CA ARG A 76 -11.79 7.31 8.88
C ARG A 76 -12.19 8.26 7.75
N LEU A 77 -12.96 7.76 6.79
CA LEU A 77 -13.32 8.55 5.62
C LEU A 77 -14.40 9.55 5.99
N SER A 78 -14.93 9.38 7.19
CA SER A 78 -15.91 10.32 7.73
C SER A 78 -15.25 11.53 8.39
N GLN A 79 -13.94 11.44 8.67
CA GLN A 79 -13.28 12.60 9.27
C GLN A 79 -13.26 13.83 8.41
N ASP A 80 -13.07 14.94 9.12
CA ASP A 80 -13.05 16.29 8.55
C ASP A 80 -12.00 16.44 7.46
N ASP A 81 -10.77 16.01 7.74
CA ASP A 81 -9.65 16.17 6.78
C ASP A 81 -9.96 15.60 5.38
N ILE A 82 -10.80 14.58 5.36
CA ILE A 82 -11.19 13.95 4.10
C ILE A 82 -11.95 14.93 3.20
N LYS A 83 -12.88 15.68 3.79
CA LYS A 83 -13.67 16.68 3.06
C LYS A 83 -12.79 17.81 2.56
N GLU A 84 -11.90 18.24 3.44
CA GLU A 84 -11.01 19.35 3.14
C GLU A 84 -9.94 19.08 2.08
N THR A 85 -9.21 17.98 2.26
CA THR A 85 -7.99 17.76 1.50
C THR A 85 -8.05 16.55 0.59
N GLY A 86 -9.05 15.69 0.77
CA GLY A 86 -9.11 14.45 0.02
C GLY A 86 -8.21 13.43 0.66
N PHE A 87 -7.89 12.36 -0.05
CA PHE A 87 -7.12 11.28 0.57
C PHE A 87 -6.36 10.43 -0.43
N LEU A 88 -5.42 9.67 0.12
CA LEU A 88 -4.65 8.71 -0.63
C LEU A 88 -4.64 7.42 0.18
N LEU A 89 -5.57 6.52 -0.14
CA LEU A 89 -5.69 5.26 0.55
C LEU A 89 -4.63 4.26 0.08
N ASP A 90 -3.97 3.61 1.02
CA ASP A 90 -2.76 2.82 0.78
C ASP A 90 -2.86 1.48 1.53
N GLY A 91 -3.03 0.39 0.79
CA GLY A 91 -3.04 -0.94 1.41
C GLY A 91 -4.44 -1.48 1.61
N TYR A 92 -5.42 -0.59 1.55
CA TYR A 92 -6.82 -0.97 1.55
C TYR A 92 -7.46 -0.31 0.33
N PRO A 93 -8.25 -1.08 -0.45
CA PRO A 93 -8.65 -2.47 -0.25
C PRO A 93 -7.56 -3.47 -0.66
N ARG A 94 -7.44 -4.57 0.09
CA ARG A 94 -6.40 -5.56 -0.16
C ARG A 94 -6.94 -6.72 -0.98
N THR A 95 -8.25 -6.94 -0.90
CA THR A 95 -8.94 -7.98 -1.66
C THR A 95 -10.13 -7.40 -2.42
N ILE A 96 -10.68 -8.17 -3.36
CA ILE A 96 -11.80 -7.69 -4.16
C ILE A 96 -13.05 -7.50 -3.27
N GLU A 97 -13.16 -8.32 -2.23
CA GLU A 97 -14.27 -8.18 -1.29
C GLU A 97 -14.20 -6.85 -0.55
N GLN A 98 -12.99 -6.44 -0.19
CA GLN A 98 -12.81 -5.16 0.47
C GLN A 98 -13.03 -3.99 -0.50
N ALA A 99 -12.68 -4.19 -1.76
CA ALA A 99 -13.01 -3.22 -2.80
C ALA A 99 -14.52 -2.99 -2.90
N HIS A 100 -15.30 -4.08 -2.87
CA HIS A 100 -16.75 -3.98 -2.91
C HIS A 100 -17.29 -3.27 -1.68
N ALA A 101 -16.69 -3.56 -0.52
CA ALA A 101 -17.10 -2.92 0.73
C ALA A 101 -16.77 -1.44 0.69
N LEU A 102 -15.58 -1.11 0.19
CA LEU A 102 -15.15 0.28 0.07
C LEU A 102 -16.11 1.07 -0.82
N ASP A 103 -16.43 0.53 -1.99
CA ASP A 103 -17.34 1.20 -2.91
C ASP A 103 -18.68 1.49 -2.25
N LYS A 104 -19.17 0.55 -1.46
CA LYS A 104 -20.40 0.74 -0.73
C LYS A 104 -20.29 1.90 0.25
N THR A 105 -19.18 1.93 0.99
CA THR A 105 -18.91 3.01 1.95
C THR A 105 -18.79 4.36 1.26
N LEU A 106 -18.08 4.40 0.14
CA LEU A 106 -17.93 5.66 -0.59
C LEU A 106 -19.29 6.14 -1.11
N ALA A 107 -20.10 5.21 -1.60
CA ALA A 107 -21.45 5.57 -2.06
C ALA A 107 -22.31 6.09 -0.89
N GLU A 108 -22.25 5.42 0.25
CA GLU A 108 -22.97 5.88 1.44
C GLU A 108 -22.52 7.28 1.89
N LEU A 109 -21.23 7.57 1.74
CA LEU A 109 -20.69 8.86 2.18
C LEU A 109 -20.89 9.95 1.14
N GLY A 110 -21.28 9.55 -0.07
CA GLY A 110 -21.46 10.48 -1.18
C GLY A 110 -20.14 10.89 -1.80
N ILE A 111 -19.14 10.02 -1.66
CA ILE A 111 -17.78 10.28 -2.12
C ILE A 111 -17.46 9.48 -3.39
N GLU A 112 -16.77 10.10 -4.33
CA GLU A 112 -16.33 9.39 -5.53
C GLU A 112 -14.82 9.30 -5.65
N LEU A 113 -14.33 8.10 -5.86
CA LEU A 113 -12.94 7.89 -6.23
C LEU A 113 -12.65 8.65 -7.52
N GLU A 114 -11.52 9.33 -7.58
CA GLU A 114 -11.22 10.11 -8.77
C GLU A 114 -10.04 9.53 -9.53
N GLY A 115 -9.24 8.71 -8.86
CA GLY A 115 -8.08 8.14 -9.52
C GLY A 115 -7.31 7.14 -8.69
N ILE A 116 -6.61 6.26 -9.40
CA ILE A 116 -5.77 5.25 -8.77
C ILE A 116 -4.39 5.26 -9.40
N ILE A 117 -3.37 5.46 -8.57
CA ILE A 117 -1.99 5.42 -9.01
C ILE A 117 -1.50 3.99 -8.86
N ASN A 118 -1.24 3.34 -9.98
CA ASN A 118 -0.77 1.97 -9.96
C ASN A 118 0.68 1.88 -10.43
N ILE A 119 1.58 1.74 -9.48
CA ILE A 119 3.00 1.69 -9.78
C ILE A 119 3.37 0.29 -10.25
N GLU A 120 3.75 0.18 -11.52
CA GLU A 120 4.09 -1.10 -12.10
C GLU A 120 5.60 -1.34 -12.15
N VAL A 121 6.01 -2.48 -11.64
CA VAL A 121 7.39 -2.93 -11.76
C VAL A 121 7.37 -4.40 -12.08
N ASN A 122 8.20 -4.82 -13.03
CA ASN A 122 8.26 -6.22 -13.38
C ASN A 122 8.60 -7.09 -12.16
N PRO A 123 7.79 -8.13 -11.92
CA PRO A 123 7.96 -8.99 -10.75
C PRO A 123 9.32 -9.69 -10.69
N ASP A 124 9.96 -9.92 -11.83
CA ASP A 124 11.31 -10.50 -11.82
C ASP A 124 12.31 -9.48 -11.30
N SER A 125 12.14 -8.22 -11.69
CA SER A 125 12.96 -7.13 -11.18
C SER A 125 12.75 -6.97 -9.67
N LEU A 126 11.50 -7.06 -9.25
CA LEU A 126 11.17 -6.96 -7.82
C LEU A 126 11.80 -8.11 -7.02
N LEU A 127 11.72 -9.31 -7.57
CA LEU A 127 12.29 -10.49 -6.93
C LEU A 127 13.80 -10.32 -6.67
N GLU A 128 14.53 -9.91 -7.70
CA GLU A 128 15.96 -9.70 -7.58
C GLU A 128 16.29 -8.60 -6.58
N ARG A 129 15.46 -7.57 -6.53
CA ARG A 129 15.68 -6.43 -5.65
C ARG A 129 15.39 -6.74 -4.18
N LEU A 130 14.41 -7.62 -3.95
CA LEU A 130 13.99 -7.95 -2.59
C LEU A 130 14.70 -9.17 -2.01
N SER A 131 15.36 -9.96 -2.84
CA SER A 131 15.96 -11.20 -2.36
C SER A 131 17.47 -11.24 -2.52
N GLY A 132 18.10 -10.07 -2.55
CA GLY A 132 19.54 -10.01 -2.73
C GLY A 132 20.35 -9.92 -1.45
N ARG A 133 19.72 -9.49 -0.36
CA ARG A 133 20.46 -9.19 0.87
C ARG A 133 21.14 -10.42 1.45
N ILE A 134 22.45 -10.32 1.63
CA ILE A 134 23.24 -11.41 2.17
C ILE A 134 24.00 -10.90 3.40
N ILE A 135 24.19 -11.76 4.38
CA ILE A 135 24.72 -11.35 5.68
C ILE A 135 25.85 -12.26 6.16
N HIS A 136 26.99 -11.66 6.53
CA HIS A 136 28.12 -12.43 7.01
C HIS A 136 27.82 -13.03 8.39
N ARG A 137 28.39 -14.20 8.66
CA ARG A 137 28.04 -14.96 9.86
C ARG A 137 28.48 -14.32 11.18
N VAL A 138 29.69 -13.78 11.22
CA VAL A 138 30.21 -13.27 12.49
C VAL A 138 30.41 -11.76 12.48
N THR A 139 30.63 -11.16 11.31
CA THR A 139 30.79 -9.71 11.23
C THR A 139 29.45 -9.05 10.98
N GLY A 140 28.47 -9.85 10.54
CA GLY A 140 27.12 -9.36 10.31
C GLY A 140 27.02 -8.28 9.25
N GLU A 141 28.05 -8.19 8.41
CA GLU A 141 28.08 -7.17 7.37
C GLU A 141 27.12 -7.51 6.24
N THR A 142 26.40 -6.50 5.75
CA THR A 142 25.34 -6.70 4.77
C THR A 142 25.79 -6.45 3.33
N PHE A 143 25.33 -7.31 2.42
CA PHE A 143 25.62 -7.16 1.00
C PHE A 143 24.39 -7.40 0.13
N HIS A 144 24.63 -7.48 -1.18
CA HIS A 144 23.58 -7.80 -2.15
C HIS A 144 24.18 -8.60 -3.31
N PRO A 150 28.11 -7.43 -5.50
CA PRO A 150 28.69 -6.85 -4.29
C PRO A 150 29.37 -7.88 -3.39
N VAL A 151 30.70 -7.86 -3.39
CA VAL A 151 31.52 -8.75 -2.57
C VAL A 151 31.14 -10.21 -2.81
N ASP A 152 30.62 -10.89 -1.79
CA ASP A 152 30.57 -12.35 -1.73
C ASP A 152 31.79 -12.98 -2.42
N TYR A 153 32.86 -13.16 -1.65
CA TYR A 153 34.04 -13.84 -2.16
C TYR A 153 34.02 -15.27 -1.67
N LYS A 154 33.08 -15.56 -0.79
CA LYS A 154 32.89 -16.89 -0.24
C LYS A 154 31.41 -17.20 -0.06
N GLU A 155 30.90 -18.09 -0.90
CA GLU A 155 29.48 -18.44 -0.92
C GLU A 155 28.95 -18.90 0.43
N GLU A 156 29.78 -19.63 1.17
CA GLU A 156 29.33 -20.30 2.39
C GLU A 156 29.50 -19.46 3.65
N ASP A 157 30.12 -18.30 3.52
CA ASP A 157 30.35 -17.44 4.68
C ASP A 157 29.20 -16.47 4.90
N TYR A 158 28.10 -16.69 4.18
CA TYR A 158 26.95 -15.79 4.28
C TYR A 158 25.64 -16.56 4.47
N TYR A 159 24.64 -15.86 4.99
CA TYR A 159 23.30 -16.42 5.11
C TYR A 159 22.27 -15.36 4.78
N GLN A 160 21.03 -15.79 4.55
CA GLN A 160 19.93 -14.86 4.28
C GLN A 160 18.84 -14.96 5.34
N ARG A 161 18.24 -13.83 5.68
CA ARG A 161 17.02 -13.85 6.48
C ARG A 161 15.97 -14.64 5.73
N GLU A 162 15.11 -15.34 6.46
CA GLU A 162 14.03 -16.10 5.86
C GLU A 162 13.17 -15.20 4.98
N ASP A 163 12.92 -13.98 5.46
CA ASP A 163 12.15 -12.98 4.73
C ASP A 163 12.77 -12.64 3.37
N ASP A 164 14.07 -12.85 3.22
CA ASP A 164 14.80 -12.38 2.05
C ASP A 164 15.20 -13.49 1.09
N LYS A 165 14.87 -14.73 1.42
CA LYS A 165 15.19 -15.84 0.54
C LYS A 165 14.34 -15.76 -0.72
N PRO A 166 14.92 -16.10 -1.88
CA PRO A 166 14.21 -16.01 -3.16
C PRO A 166 12.87 -16.73 -3.17
N GLU A 167 12.78 -17.90 -2.54
CA GLU A 167 11.51 -18.64 -2.55
C GLU A 167 10.44 -17.91 -1.75
N THR A 168 10.86 -17.26 -0.67
CA THR A 168 9.94 -16.53 0.19
C THR A 168 9.42 -15.29 -0.52
N VAL A 169 10.33 -14.51 -1.08
CA VAL A 169 9.96 -13.31 -1.82
C VAL A 169 9.07 -13.65 -3.01
N LYS A 170 9.40 -14.74 -3.70
CA LYS A 170 8.64 -15.20 -4.86
C LYS A 170 7.20 -15.51 -4.47
N ARG A 171 7.02 -16.22 -3.36
CA ARG A 171 5.68 -16.53 -2.86
C ARG A 171 4.94 -15.25 -2.50
N ARG A 172 5.61 -14.35 -1.79
CA ARG A 172 5.02 -13.08 -1.39
C ARG A 172 4.52 -12.30 -2.61
N LEU A 173 5.36 -12.20 -3.62
CA LEU A 173 5.00 -11.50 -4.84
C LEU A 173 3.83 -12.16 -5.56
N ASP A 174 3.87 -13.48 -5.66
CA ASP A 174 2.79 -14.23 -6.32
C ASP A 174 1.44 -14.04 -5.64
N VAL A 175 1.45 -14.06 -4.30
CA VAL A 175 0.22 -13.88 -3.55
C VAL A 175 -0.31 -12.45 -3.73
N ASN A 176 0.59 -11.48 -3.66
CA ASN A 176 0.21 -10.08 -3.84
C ASN A 176 -0.33 -9.81 -5.25
N ILE A 177 0.27 -10.46 -6.25
CA ILE A 177 -0.20 -10.33 -7.63
C ILE A 177 -1.61 -10.90 -7.77
N ALA A 178 -1.81 -12.12 -7.27
CA ALA A 178 -3.11 -12.78 -7.37
C ALA A 178 -4.22 -12.02 -6.65
N GLN A 179 -3.89 -11.45 -5.49
CA GLN A 179 -4.90 -10.72 -4.74
C GLN A 179 -5.21 -9.35 -5.36
N GLY A 180 -4.18 -8.72 -5.91
CA GLY A 180 -4.33 -7.39 -6.50
C GLY A 180 -4.94 -7.35 -7.90
N GLU A 181 -4.74 -8.40 -8.68
CA GLU A 181 -5.21 -8.43 -10.07
C GLU A 181 -6.71 -8.13 -10.24
N PRO A 182 -7.59 -8.83 -9.49
CA PRO A 182 -9.02 -8.52 -9.70
C PRO A 182 -9.43 -7.14 -9.20
N ILE A 183 -8.66 -6.57 -8.27
CA ILE A 183 -8.94 -5.21 -7.80
C ILE A 183 -8.59 -4.19 -8.87
N ILE A 184 -7.42 -4.37 -9.47
CA ILE A 184 -7.00 -3.48 -10.54
C ILE A 184 -7.97 -3.58 -11.71
N ALA A 185 -8.37 -4.80 -12.05
CA ALA A 185 -9.31 -5.00 -13.17
C ALA A 185 -10.66 -4.35 -12.88
N HIS A 186 -11.11 -4.49 -11.64
CA HIS A 186 -12.37 -3.93 -11.17
C HIS A 186 -12.45 -2.43 -11.42
N TYR A 187 -11.40 -1.71 -11.04
CA TYR A 187 -11.37 -0.26 -11.22
C TYR A 187 -10.90 0.18 -12.62
N ARG A 188 -10.08 -0.63 -13.28
CA ARG A 188 -9.62 -0.29 -14.62
C ARG A 188 -10.83 -0.29 -15.56
N ALA A 189 -11.77 -1.19 -15.32
CA ALA A 189 -12.98 -1.30 -16.13
C ALA A 189 -13.83 -0.03 -16.03
N LYS A 190 -13.52 0.80 -15.04
CA LYS A 190 -14.19 2.08 -14.83
C LYS A 190 -13.29 3.27 -15.18
N GLY A 191 -12.12 2.98 -15.74
CA GLY A 191 -11.19 4.02 -16.15
C GLY A 191 -10.53 4.80 -15.03
N LEU A 192 -10.42 4.19 -13.85
CA LEU A 192 -9.86 4.91 -12.70
C LEU A 192 -8.38 4.64 -12.51
N VAL A 193 -7.85 3.66 -13.23
CA VAL A 193 -6.49 3.19 -13.00
C VAL A 193 -5.50 3.85 -13.94
N HIS A 194 -4.41 4.37 -13.36
CA HIS A 194 -3.34 4.97 -14.14
C HIS A 194 -2.03 4.27 -13.86
N ASP A 195 -1.50 3.59 -14.86
CA ASP A 195 -0.28 2.81 -14.69
C ASP A 195 0.92 3.74 -14.76
N ILE A 196 1.78 3.63 -13.74
CA ILE A 196 3.01 4.40 -13.66
C ILE A 196 4.20 3.46 -13.77
N GLU A 197 5.14 3.75 -14.66
CA GLU A 197 6.32 2.90 -14.74
C GLU A 197 7.25 3.16 -13.56
N GLY A 198 7.41 2.15 -12.72
CA GLY A 198 8.13 2.29 -11.47
C GLY A 198 9.62 2.05 -11.54
N ASN A 199 10.12 1.61 -12.69
CA ASN A 199 11.56 1.36 -12.83
C ASN A 199 12.30 2.61 -13.29
N GLN A 200 12.08 3.72 -12.58
CA GLN A 200 12.78 4.97 -12.83
C GLN A 200 13.32 5.51 -11.52
N ASP A 201 14.15 6.54 -11.59
CA ASP A 201 14.55 7.29 -10.41
C ASP A 201 13.31 7.78 -9.68
N ILE A 202 13.44 7.94 -8.36
CA ILE A 202 12.32 8.35 -7.51
C ILE A 202 11.64 9.63 -8.02
N ASN A 203 12.44 10.58 -8.47
CA ASN A 203 11.88 11.85 -8.93
C ASN A 203 11.22 11.74 -10.29
N ASP A 204 11.62 10.74 -11.08
CA ASP A 204 11.05 10.53 -12.41
C ASP A 204 9.72 9.78 -12.30
N VAL A 205 9.66 8.81 -11.40
CA VAL A 205 8.40 8.15 -11.10
C VAL A 205 7.40 9.18 -10.63
N PHE A 206 7.81 10.03 -9.69
CA PHE A 206 6.90 11.04 -9.17
C PHE A 206 6.52 12.07 -10.23
N SER A 207 7.46 12.33 -11.15
CA SER A 207 7.19 13.24 -12.26
C SER A 207 5.99 12.77 -13.10
N ASP A 208 5.95 11.48 -13.42
CA ASP A 208 4.83 10.90 -14.15
C ASP A 208 3.54 10.92 -13.34
N ILE A 209 3.69 10.68 -12.04
CA ILE A 209 2.55 10.73 -11.12
C ILE A 209 1.96 12.14 -11.11
N GLU A 210 2.83 13.12 -11.01
CA GLU A 210 2.42 14.53 -10.97
C GLU A 210 1.59 14.90 -12.20
N LYS A 211 2.03 14.45 -13.37
CA LYS A 211 1.31 14.69 -14.62
C LYS A 211 -0.08 14.10 -14.57
N VAL A 212 -0.19 12.86 -14.09
CA VAL A 212 -1.48 12.20 -13.99
C VAL A 212 -2.42 12.98 -13.08
N LEU A 213 -1.94 13.31 -11.88
CA LEU A 213 -2.79 13.92 -10.87
C LEU A 213 -3.22 15.35 -11.24
N THR A 214 -2.34 16.13 -11.85
CA THR A 214 -2.70 17.50 -12.20
C THR A 214 -3.73 17.51 -13.34
N ASN A 215 -3.78 16.44 -14.12
CA ASN A 215 -4.70 16.37 -15.25
C ASN A 215 -5.98 15.60 -14.95
N LEU A 216 -6.24 15.33 -13.69
CA LEU A 216 -7.49 14.69 -13.28
C LEU A 216 -8.64 15.69 -13.25
C TRS B . 7.98 -1.15 0.21
C1 TRS B . 6.70 -0.84 -0.56
C2 TRS B . 7.76 -0.94 1.70
C3 TRS B . 9.11 -0.28 -0.29
N TRS B . 8.32 -2.56 0.01
O1 TRS B . 6.32 0.50 -0.28
O2 TRS B . 6.95 -1.97 2.21
O3 TRS B . 9.22 -0.39 -1.69
N1 EPE C . -1.60 -2.85 12.82
C2 EPE C . -2.01 -3.60 14.02
C3 EPE C . -2.72 -4.87 13.60
N4 EPE C . -3.77 -4.63 12.63
C5 EPE C . -3.53 -3.68 11.57
C6 EPE C . -2.79 -2.44 12.06
C7 EPE C . -4.72 -5.70 12.36
C8 EPE C . -4.09 -6.78 11.49
O8 EPE C . -5.07 -7.75 11.18
C9 EPE C . -0.84 -1.66 13.22
C10 EPE C . 0.66 -1.96 13.17
S EPE C . 1.66 -0.56 13.73
O1S EPE C . 0.91 0.22 14.71
O2S EPE C . 2.01 0.28 12.59
O3S EPE C . 2.89 -1.06 14.35
C TRS D . 3.58 6.96 7.04
C1 TRS D . 4.17 8.25 6.48
C2 TRS D . 4.59 5.83 6.94
C3 TRS D . 2.30 6.62 6.28
N TRS D . 3.23 7.19 8.45
O1 TRS D . 4.75 8.06 5.20
O2 TRS D . 5.65 6.06 7.84
O3 TRS D . 1.43 7.73 6.32
#